data_3EDO
#
_entry.id   3EDO
#
_cell.length_a   44.560
_cell.length_b   52.030
_cell.length_c   156.750
_cell.angle_alpha   90.00
_cell.angle_beta   90.00
_cell.angle_gamma   90.00
#
_symmetry.space_group_name_H-M   'P 21 21 21'
#
loop_
_entity.id
_entity.type
_entity.pdbx_description
1 polymer 'Putative trp repressor binding protein'
2 non-polymer 'FLAVIN MONONUCLEOTIDE'
3 non-polymer 1,2-ETHANEDIOL
4 water water
#
_entity_poly.entity_id   1
_entity_poly.type   'polypeptide(L)'
_entity_poly.pdbx_seq_one_letter_code
;G(MSE)AKKTLILYYSWSGETKK(MSE)AEKINSEIKDSELKEVKVSEGTFDAD(MSO)YKTSDIALDQIQGNKDFPEIQ
LDNIDYNNYDLILIGSPVWSGYPATPIKTLLDQ(MSE)KNYRGEVASFFTSAGTNHKAYVSHFNEWADGLNVIGVARDDS
EVDKWSK
;
_entity_poly.pdbx_strand_id   A,B
#
loop_
_chem_comp.id
_chem_comp.type
_chem_comp.name
_chem_comp.formula
EDO non-polymer 1,2-ETHANEDIOL 'C2 H6 O2'
FMN non-polymer 'FLAVIN MONONUCLEOTIDE' 'C17 H21 N4 O9 P'
#
# COMPACT_ATOMS: atom_id res chain seq x y z
N GLY A 1 17.85 -34.10 -19.41
CA GLY A 1 17.37 -35.36 -18.77
C GLY A 1 15.86 -35.52 -18.81
N MSE A 2 15.32 -36.36 -17.93
CA MSE A 2 13.88 -36.61 -17.88
C MSE A 2 13.15 -35.31 -17.53
O MSE A 2 13.67 -34.54 -16.74
CB MSE A 2 13.57 -37.67 -16.82
N ALA A 3 11.96 -35.09 -18.10
CA ALA A 3 11.15 -33.90 -17.73
C ALA A 3 10.91 -33.87 -16.22
N LYS A 4 10.98 -32.68 -15.63
CA LYS A 4 10.78 -32.53 -14.20
C LYS A 4 9.29 -32.54 -13.88
N LYS A 5 8.86 -33.51 -13.08
CA LYS A 5 7.50 -33.53 -12.59
C LYS A 5 7.36 -32.37 -11.61
N THR A 6 6.44 -31.47 -11.93
CA THR A 6 6.41 -30.14 -11.30
C THR A 6 5.09 -29.89 -10.59
N LEU A 7 5.20 -29.40 -9.35
CA LEU A 7 4.08 -28.88 -8.58
C LEU A 7 4.24 -27.37 -8.47
N ILE A 8 3.14 -26.65 -8.62
CA ILE A 8 3.08 -25.21 -8.46
C ILE A 8 2.18 -24.92 -7.28
N LEU A 9 2.75 -24.30 -6.25
CA LEU A 9 2.03 -23.89 -5.04
CA LEU A 9 2.05 -23.89 -5.03
C LEU A 9 2.07 -22.38 -5.00
N TYR A 10 1.02 -21.74 -4.53
CA TYR A 10 1.04 -20.27 -4.44
C TYR A 10 0.14 -19.78 -3.32
N TYR A 11 0.52 -18.65 -2.76
CA TYR A 11 -0.35 -17.82 -1.92
C TYR A 11 -0.59 -16.51 -2.66
N SER A 12 -1.85 -16.04 -2.65
CA SER A 12 -2.21 -14.81 -3.33
C SER A 12 -3.19 -14.04 -2.46
N TRP A 13 -2.85 -12.80 -2.09
CA TRP A 13 -3.71 -11.98 -1.26
C TRP A 13 -4.73 -11.22 -2.12
N SER A 14 -4.29 -10.65 -3.24
CA SER A 14 -5.16 -9.89 -4.15
C SER A 14 -5.32 -10.49 -5.54
N GLY A 15 -4.97 -11.75 -5.71
CA GLY A 15 -5.26 -12.48 -6.96
C GLY A 15 -4.22 -12.44 -8.06
N GLU A 16 -3.20 -11.58 -7.98
CA GLU A 16 -2.23 -11.46 -9.06
C GLU A 16 -1.33 -12.71 -9.17
N THR A 17 -0.83 -13.19 -8.04
CA THR A 17 0.01 -14.37 -8.03
C THR A 17 -0.80 -15.59 -8.48
N LYS A 18 -2.08 -15.65 -8.13
CA LYS A 18 -2.95 -16.74 -8.60
CA LYS A 18 -2.94 -16.74 -8.62
C LYS A 18 -2.98 -16.75 -10.15
N LYS A 19 -3.19 -15.58 -10.75
CA LYS A 19 -3.18 -15.51 -12.23
C LYS A 19 -1.83 -15.97 -12.79
N MSE A 20 -0.74 -15.54 -12.16
CA MSE A 20 0.58 -15.94 -12.62
C MSE A 20 0.81 -17.45 -12.47
O MSE A 20 1.39 -18.10 -13.35
CB MSE A 20 1.66 -15.15 -11.90
CG MSE A 20 3.08 -15.44 -12.37
SE MSE A 20 3.39 -15.15 -14.25
CE MSE A 20 2.86 -13.30 -14.36
N ALA A 21 0.36 -18.00 -11.36
CA ALA A 21 0.49 -19.44 -11.13
C ALA A 21 -0.29 -20.25 -12.18
N GLU A 22 -1.47 -19.75 -12.53
CA GLU A 22 -2.31 -20.35 -13.58
C GLU A 22 -1.58 -20.28 -14.93
N LYS A 23 -0.96 -19.16 -15.23
CA LYS A 23 -0.19 -19.02 -16.46
C LYS A 23 0.98 -19.99 -16.49
N ILE A 24 1.72 -20.10 -15.40
CA ILE A 24 2.84 -21.04 -15.33
C ILE A 24 2.34 -22.47 -15.45
N ASN A 25 1.21 -22.79 -14.83
CA ASN A 25 0.60 -24.13 -14.98
C ASN A 25 0.38 -24.46 -16.46
N SER A 26 -0.11 -23.49 -17.21
CA SER A 26 -0.38 -23.66 -18.64
CA SER A 26 -0.37 -23.70 -18.64
C SER A 26 0.89 -23.84 -19.47
N GLU A 27 2.02 -23.33 -18.96
CA GLU A 27 3.32 -23.38 -19.62
C GLU A 27 4.08 -24.66 -19.38
N ILE A 28 3.81 -25.35 -18.28
CA ILE A 28 4.59 -26.52 -17.89
C ILE A 28 3.73 -27.76 -18.03
N LYS A 29 4.07 -28.57 -19.02
CA LYS A 29 3.31 -29.79 -19.32
C LYS A 29 3.21 -30.71 -18.10
N ASP A 30 1.99 -31.16 -17.83
CA ASP A 30 1.67 -32.11 -16.76
C ASP A 30 1.92 -31.55 -15.35
N SER A 31 2.13 -30.25 -15.24
CA SER A 31 2.29 -29.64 -13.91
C SER A 31 0.98 -29.68 -13.14
N GLU A 32 1.07 -29.77 -11.83
CA GLU A 32 -0.07 -29.71 -10.92
C GLU A 32 -0.05 -28.36 -10.19
N LEU A 33 -1.24 -27.83 -9.93
CA LEU A 33 -1.41 -26.51 -9.34
C LEU A 33 -2.23 -26.64 -8.07
N LYS A 34 -1.75 -26.09 -6.98
CA LYS A 34 -2.43 -26.13 -5.70
CA LYS A 34 -2.47 -26.10 -5.73
C LYS A 34 -2.29 -24.77 -5.00
N GLU A 35 -3.40 -24.28 -4.45
CA GLU A 35 -3.41 -23.01 -3.72
C GLU A 35 -3.18 -23.22 -2.23
N VAL A 36 -2.41 -22.32 -1.64
CA VAL A 36 -2.26 -22.21 -0.21
C VAL A 36 -3.15 -21.09 0.29
N LYS A 37 -4.03 -21.40 1.25
CA LYS A 37 -4.92 -20.42 1.84
C LYS A 37 -4.61 -20.21 3.30
N VAL A 38 -5.10 -19.09 3.80
CA VAL A 38 -5.20 -18.85 5.24
C VAL A 38 -6.67 -18.57 5.58
N SER A 39 -7.00 -18.74 6.85
CA SER A 39 -8.39 -18.59 7.30
CA SER A 39 -8.36 -18.57 7.35
C SER A 39 -8.81 -17.13 7.24
N GLU A 40 -10.12 -16.91 7.08
CA GLU A 40 -10.65 -15.54 7.08
C GLU A 40 -10.27 -14.95 8.42
N GLY A 41 -9.86 -13.69 8.40
CA GLY A 41 -9.43 -13.02 9.61
C GLY A 41 -7.93 -13.04 9.87
N THR A 42 -7.18 -13.84 9.11
CA THR A 42 -5.73 -13.88 9.28
C THR A 42 -5.13 -12.52 8.89
N PHE A 43 -5.54 -12.02 7.75
CA PHE A 43 -5.12 -10.69 7.27
C PHE A 43 -6.35 -9.78 7.26
N ASP A 44 -6.39 -8.80 6.36
CA ASP A 44 -7.46 -7.81 6.33
C ASP A 44 -7.67 -7.43 4.88
N ALA A 45 -8.86 -6.97 4.53
CA ALA A 45 -9.09 -6.40 3.22
C ALA A 45 -8.22 -5.17 2.94
N ASP A 46 -7.84 -4.47 4.00
CA ASP A 46 -7.06 -3.25 3.89
C ASP A 46 -5.58 -3.61 3.81
N MSO A 47 -4.87 -3.08 2.82
CA MSO A 47 -3.47 -3.46 2.59
CB MSO A 47 -2.97 -2.95 1.24
C MSO A 47 -2.54 -2.99 3.69
CG MSO A 47 -2.83 -1.43 1.13
SE MSO A 47 -2.00 -0.90 -0.57
OE MSO A 47 -1.06 -2.21 -0.90
CE MSO A 47 -3.53 -1.16 -1.64
O MSO A 47 -1.53 -3.65 3.94
N TYR A 48 -2.86 -1.87 4.33
CA TYR A 48 -2.00 -1.31 5.37
C TYR A 48 -2.14 -2.12 6.64
N LYS A 49 -3.37 -2.54 6.96
CA LYS A 49 -3.62 -3.43 8.08
CA LYS A 49 -3.54 -3.41 8.12
C LYS A 49 -2.91 -4.77 7.84
N THR A 50 -3.01 -5.27 6.62
CA THR A 50 -2.32 -6.52 6.26
C THR A 50 -0.81 -6.39 6.42
N SER A 51 -0.24 -5.32 5.89
CA SER A 51 1.18 -5.07 6.08
C SER A 51 1.57 -5.10 7.53
N ASP A 52 0.79 -4.44 8.38
CA ASP A 52 1.11 -4.36 9.81
C ASP A 52 1.02 -5.74 10.48
N ILE A 53 0.06 -6.57 10.08
CA ILE A 53 -0.05 -7.93 10.59
C ILE A 53 1.18 -8.74 10.20
N ALA A 54 1.58 -8.67 8.92
CA ALA A 54 2.78 -9.36 8.45
C ALA A 54 4.02 -8.89 9.20
N LEU A 55 4.13 -7.57 9.40
CA LEU A 55 5.29 -7.01 10.06
C LEU A 55 5.43 -7.57 11.48
N ASP A 56 4.31 -7.66 12.19
CA ASP A 56 4.40 -8.12 13.58
CA ASP A 56 4.30 -8.17 13.57
C ASP A 56 4.79 -9.60 13.64
N GLN A 57 4.49 -10.38 12.60
CA GLN A 57 4.96 -11.75 12.47
C GLN A 57 6.46 -11.78 12.17
N ILE A 58 6.89 -11.00 11.18
CA ILE A 58 8.31 -10.82 10.78
CA ILE A 58 8.31 -11.01 10.87
C ILE A 58 9.17 -10.42 11.99
N GLN A 59 8.60 -9.60 12.85
N GLN A 59 8.64 -9.44 12.73
CA GLN A 59 9.36 -9.06 13.98
CA GLN A 59 9.31 -8.87 13.92
C GLN A 59 9.39 -9.92 15.18
C GLN A 59 9.21 -9.77 15.21
N GLY A 60 8.61 -10.97 15.11
CA GLY A 60 8.61 -11.98 16.20
C GLY A 60 7.55 -11.82 17.27
N ASN A 61 6.62 -10.89 17.07
CA ASN A 61 5.64 -10.59 18.12
C ASN A 61 4.39 -11.44 18.03
N LYS A 62 4.09 -11.96 16.84
CA LYS A 62 2.91 -12.80 16.62
CA LYS A 62 2.94 -12.82 16.64
C LYS A 62 3.36 -14.01 15.80
N ASP A 63 2.67 -15.14 15.99
CA ASP A 63 3.04 -16.34 15.27
C ASP A 63 2.77 -16.19 13.77
N PHE A 64 3.59 -16.84 12.98
CA PHE A 64 3.30 -16.97 11.56
C PHE A 64 2.00 -17.75 11.38
N PRO A 65 1.28 -17.51 10.29
CA PRO A 65 -0.05 -18.06 10.16
C PRO A 65 -0.11 -19.54 9.83
N GLU A 66 -1.12 -20.22 10.33
CA GLU A 66 -1.45 -21.55 9.85
C GLU A 66 -1.98 -21.44 8.43
N ILE A 67 -1.80 -22.51 7.67
CA ILE A 67 -2.21 -22.56 6.28
C ILE A 67 -3.11 -23.74 6.02
N GLN A 68 -3.92 -23.62 4.98
CA GLN A 68 -4.77 -24.70 4.51
C GLN A 68 -4.40 -25.02 3.08
N LEU A 69 -4.16 -26.31 2.83
CA LEU A 69 -3.87 -26.79 1.47
C LEU A 69 -4.16 -28.27 1.43
N ASP A 70 -4.28 -28.78 0.22
CA ASP A 70 -4.52 -30.20 0.02
C ASP A 70 -3.36 -31.04 0.61
N ASN A 71 -3.67 -32.27 0.98
CA ASN A 71 -2.61 -33.18 1.41
C ASN A 71 -1.76 -33.56 0.21
N ILE A 72 -0.46 -33.34 0.32
CA ILE A 72 0.47 -33.58 -0.78
C ILE A 72 1.66 -34.36 -0.28
N ASP A 73 2.11 -35.35 -1.06
CA ASP A 73 3.43 -35.93 -0.84
C ASP A 73 4.41 -35.16 -1.70
N TYR A 74 5.16 -34.26 -1.09
CA TYR A 74 6.07 -33.41 -1.85
C TYR A 74 7.11 -34.19 -2.64
N ASN A 75 7.50 -35.36 -2.14
CA ASN A 75 8.46 -36.21 -2.83
C ASN A 75 7.93 -36.98 -4.01
N ASN A 76 6.68 -36.68 -4.41
CA ASN A 76 6.19 -37.08 -5.74
C ASN A 76 6.71 -36.19 -6.86
N TYR A 77 7.40 -35.08 -6.52
CA TYR A 77 7.82 -34.09 -7.52
C TYR A 77 9.32 -33.92 -7.59
N ASP A 78 9.79 -33.58 -8.78
CA ASP A 78 11.17 -33.17 -9.00
C ASP A 78 11.43 -31.70 -8.73
N LEU A 79 10.41 -30.88 -8.96
CA LEU A 79 10.50 -29.44 -8.87
C LEU A 79 9.21 -28.90 -8.28
N ILE A 80 9.34 -28.04 -7.24
CA ILE A 80 8.21 -27.35 -6.64
C ILE A 80 8.45 -25.87 -6.82
N LEU A 81 7.51 -25.22 -7.51
CA LEU A 81 7.52 -23.78 -7.72
C LEU A 81 6.59 -23.14 -6.72
N ILE A 82 7.09 -22.16 -5.98
CA ILE A 82 6.31 -21.50 -4.93
C ILE A 82 6.10 -20.04 -5.33
N GLY A 83 4.86 -19.65 -5.46
CA GLY A 83 4.50 -18.28 -5.83
C GLY A 83 4.02 -17.45 -4.65
N SER A 84 4.45 -16.19 -4.65
CA SER A 84 4.02 -15.24 -3.64
C SER A 84 4.09 -13.84 -4.19
N PRO A 85 3.31 -12.92 -3.59
CA PRO A 85 3.62 -11.49 -3.77
C PRO A 85 4.90 -11.12 -3.03
N VAL A 86 5.48 -9.99 -3.41
CA VAL A 86 6.48 -9.34 -2.58
C VAL A 86 5.77 -8.48 -1.56
N TRP A 87 6.06 -8.72 -0.29
CA TRP A 87 5.56 -7.90 0.84
C TRP A 87 6.76 -7.26 1.53
N SER A 88 7.06 -6.02 1.14
CA SER A 88 8.15 -5.25 1.71
C SER A 88 9.44 -6.03 1.74
N GLY A 89 9.80 -6.68 0.64
CA GLY A 89 11.05 -7.40 0.56
C GLY A 89 11.08 -8.77 1.19
N TYR A 90 9.94 -9.30 1.58
CA TYR A 90 9.80 -10.69 2.02
C TYR A 90 8.72 -11.38 1.17
N PRO A 91 8.76 -12.71 1.11
CA PRO A 91 7.56 -13.39 0.68
C PRO A 91 6.45 -13.17 1.69
N ALA A 92 5.20 -13.41 1.28
CA ALA A 92 4.11 -13.30 2.21
C ALA A 92 4.30 -14.31 3.34
N THR A 93 3.86 -13.97 4.55
CA THR A 93 4.15 -14.81 5.70
C THR A 93 3.60 -16.26 5.63
N PRO A 94 2.50 -16.55 4.90
CA PRO A 94 2.10 -17.98 4.77
C PRO A 94 3.19 -18.84 4.15
N ILE A 95 4.05 -18.25 3.34
CA ILE A 95 5.14 -18.99 2.70
C ILE A 95 6.14 -19.54 3.70
N LYS A 96 6.37 -18.83 4.82
CA LYS A 96 7.27 -19.37 5.83
C LYS A 96 6.70 -20.67 6.40
N THR A 97 5.42 -20.68 6.72
CA THR A 97 4.75 -21.88 7.24
C THR A 97 4.82 -23.02 6.22
N LEU A 98 4.53 -22.69 4.96
CA LEU A 98 4.59 -23.67 3.88
C LEU A 98 5.97 -24.33 3.82
N LEU A 99 7.01 -23.50 3.77
CA LEU A 99 8.37 -24.01 3.64
C LEU A 99 8.71 -24.91 4.83
N ASP A 100 8.28 -24.54 6.03
CA ASP A 100 8.47 -25.40 7.19
C ASP A 100 7.80 -26.76 7.00
N GLN A 101 6.60 -26.77 6.48
CA GLN A 101 5.86 -28.03 6.24
C GLN A 101 6.50 -28.88 5.14
N MSE A 102 7.31 -28.26 4.28
CA MSE A 102 8.07 -28.94 3.25
C MSE A 102 9.44 -29.44 3.68
O MSE A 102 10.24 -29.87 2.84
CB MSE A 102 8.23 -28.00 2.03
CG MSE A 102 6.95 -27.74 1.33
SE MSE A 102 7.16 -26.38 -0.05
CE MSE A 102 8.57 -27.21 -0.98
N LYS A 103 9.70 -29.50 4.99
CA LYS A 103 11.01 -29.86 5.52
CA LYS A 103 11.06 -29.79 5.44
C LYS A 103 11.64 -31.14 4.95
N ASN A 104 10.80 -32.11 4.68
CA ASN A 104 11.31 -33.40 4.20
C ASN A 104 11.33 -33.58 2.69
N TYR A 105 11.08 -32.51 1.96
CA TYR A 105 11.13 -32.54 0.49
C TYR A 105 12.57 -32.57 0.02
N ARG A 106 12.89 -33.54 -0.83
CA ARG A 106 14.27 -33.74 -1.26
CA ARG A 106 14.26 -33.77 -1.29
C ARG A 106 14.61 -33.17 -2.64
N GLY A 107 13.61 -32.67 -3.34
CA GLY A 107 13.79 -32.19 -4.70
C GLY A 107 14.18 -30.72 -4.80
N GLU A 108 14.03 -30.18 -6.00
CA GLU A 108 14.38 -28.78 -6.26
C GLU A 108 13.19 -27.86 -5.95
N VAL A 109 13.50 -26.67 -5.46
CA VAL A 109 12.54 -25.62 -5.17
C VAL A 109 12.94 -24.38 -5.95
N ALA A 110 11.95 -23.66 -6.50
CA ALA A 110 12.19 -22.32 -7.00
C ALA A 110 11.01 -21.47 -6.59
N SER A 111 11.22 -20.16 -6.50
CA SER A 111 10.11 -19.26 -6.21
C SER A 111 9.93 -18.24 -7.32
N PHE A 112 8.68 -18.09 -7.73
CA PHE A 112 8.27 -16.98 -8.59
C PHE A 112 7.52 -15.98 -7.75
N PHE A 113 7.81 -14.70 -7.98
CA PHE A 113 7.10 -13.66 -7.26
C PHE A 113 6.39 -12.73 -8.24
N THR A 114 5.32 -12.09 -7.75
CA THR A 114 4.77 -10.95 -8.43
C THR A 114 4.92 -9.73 -7.52
N SER A 115 5.00 -8.56 -8.14
CA SER A 115 5.33 -7.33 -7.43
C SER A 115 4.94 -6.13 -8.27
N ALA A 116 5.11 -4.97 -7.65
CA ALA A 116 5.04 -3.68 -8.35
C ALA A 116 6.44 -3.16 -8.68
N GLY A 117 7.42 -4.04 -8.71
CA GLY A 117 8.72 -3.73 -9.22
C GLY A 117 9.83 -3.43 -8.23
N THR A 118 9.58 -3.50 -6.91
CA THR A 118 10.59 -3.06 -5.98
C THR A 118 10.86 -4.12 -4.89
N ASN A 119 12.04 -4.00 -4.29
CA ASN A 119 12.45 -4.84 -3.16
C ASN A 119 12.66 -6.31 -3.55
N HIS A 120 13.08 -6.52 -4.78
CA HIS A 120 13.26 -7.87 -5.30
C HIS A 120 14.46 -8.59 -4.68
N LYS A 121 15.59 -7.90 -4.53
CA LYS A 121 16.80 -8.51 -3.98
CA LYS A 121 16.76 -8.58 -4.02
C LYS A 121 16.54 -9.03 -2.58
N ALA A 122 15.83 -8.23 -1.78
CA ALA A 122 15.45 -8.64 -0.44
C ALA A 122 14.54 -9.86 -0.47
N TYR A 123 13.57 -9.89 -1.40
CA TYR A 123 12.71 -11.06 -1.51
C TYR A 123 13.56 -12.31 -1.72
N VAL A 124 14.49 -12.23 -2.66
CA VAL A 124 15.33 -13.38 -2.97
C VAL A 124 16.09 -13.84 -1.73
N SER A 125 16.73 -12.91 -1.05
CA SER A 125 17.52 -13.22 0.14
CA SER A 125 17.52 -13.23 0.13
CA SER A 125 17.54 -13.32 0.09
C SER A 125 16.67 -13.87 1.22
N HIS A 126 15.51 -13.27 1.47
CA HIS A 126 14.64 -13.73 2.52
C HIS A 126 13.98 -15.07 2.19
N PHE A 127 13.58 -15.25 0.92
CA PHE A 127 13.06 -16.56 0.52
C PHE A 127 14.08 -17.65 0.79
N ASN A 128 15.32 -17.41 0.38
CA ASN A 128 16.34 -18.40 0.61
CA ASN A 128 16.39 -18.38 0.60
C ASN A 128 16.55 -18.70 2.08
N GLU A 129 16.50 -17.69 2.95
N GLU A 129 16.47 -17.70 2.97
CA GLU A 129 16.51 -17.93 4.40
CA GLU A 129 16.57 -17.97 4.40
C GLU A 129 15.40 -18.85 4.81
C GLU A 129 15.38 -18.76 4.92
N TRP A 130 14.17 -18.45 4.47
CA TRP A 130 12.99 -19.20 4.90
C TRP A 130 13.01 -20.66 4.41
N ALA A 131 13.65 -20.86 3.26
CA ALA A 131 13.77 -22.20 2.64
C ALA A 131 15.01 -22.95 3.07
N ASP A 132 15.71 -22.49 4.11
CA ASP A 132 17.00 -23.09 4.48
C ASP A 132 16.79 -24.57 4.72
N GLY A 133 17.65 -25.38 4.15
CA GLY A 133 17.53 -26.82 4.24
C GLY A 133 16.95 -27.44 2.99
N LEU A 134 16.30 -26.62 2.15
CA LEU A 134 15.79 -27.12 0.88
C LEU A 134 16.71 -26.72 -0.25
N ASN A 135 16.67 -27.47 -1.34
CA ASN A 135 17.51 -27.21 -2.50
C ASN A 135 16.84 -26.16 -3.41
N VAL A 136 17.13 -24.90 -3.15
CA VAL A 136 16.61 -23.78 -3.93
C VAL A 136 17.46 -23.53 -5.15
N ILE A 137 16.87 -23.67 -6.33
CA ILE A 137 17.60 -23.49 -7.59
C ILE A 137 17.41 -22.13 -8.20
N GLY A 138 16.48 -21.33 -7.73
CA GLY A 138 16.32 -19.97 -8.24
C GLY A 138 15.09 -19.28 -7.70
N VAL A 139 15.11 -17.97 -7.85
CA VAL A 139 14.02 -17.10 -7.47
C VAL A 139 13.92 -16.00 -8.52
N ALA A 140 12.75 -15.73 -9.08
CA ALA A 140 12.64 -14.76 -10.19
C ALA A 140 11.23 -14.24 -10.29
N ARG A 141 11.11 -13.11 -10.97
CA ARG A 141 9.82 -12.48 -11.13
C ARG A 141 8.99 -13.19 -12.20
N ASP A 142 7.70 -13.30 -11.94
CA ASP A 142 6.76 -13.82 -12.93
C ASP A 142 7.24 -15.19 -13.44
N ASP A 143 7.12 -15.41 -14.74
CA ASP A 143 7.57 -16.64 -15.40
C ASP A 143 8.88 -16.46 -16.12
N SER A 144 9.65 -15.44 -15.72
CA SER A 144 10.89 -15.09 -16.39
C SER A 144 11.96 -16.16 -16.41
N GLU A 145 11.95 -17.09 -15.45
CA GLU A 145 12.95 -18.15 -15.40
C GLU A 145 12.38 -19.54 -15.43
N VAL A 146 11.10 -19.67 -15.78
CA VAL A 146 10.49 -20.99 -15.89
C VAL A 146 11.25 -21.92 -16.83
N ASP A 147 11.68 -21.43 -17.99
CA ASP A 147 12.43 -22.31 -18.90
C ASP A 147 13.73 -22.78 -18.24
N LYS A 148 14.48 -21.86 -17.66
CA LYS A 148 15.72 -22.22 -16.98
C LYS A 148 15.51 -23.27 -15.90
N TRP A 149 14.47 -23.09 -15.10
CA TRP A 149 14.19 -24.01 -14.00
C TRP A 149 13.79 -25.39 -14.48
N SER A 150 13.23 -25.48 -15.68
CA SER A 150 12.75 -26.76 -16.21
C SER A 150 13.85 -27.68 -16.67
N LYS A 151 15.06 -27.18 -16.86
CA LYS A 151 16.18 -27.98 -17.41
C LYS A 151 17.05 -28.62 -16.34
N ALA B 3 -15.85 37.47 -8.53
CA ALA B 3 -15.39 36.09 -8.23
C ALA B 3 -14.81 36.01 -6.82
N LYS B 4 -14.92 34.84 -6.18
CA LYS B 4 -14.29 34.64 -4.88
C LYS B 4 -12.81 34.58 -5.11
N LYS B 5 -12.04 35.37 -4.38
CA LYS B 5 -10.59 35.26 -4.43
CA LYS B 5 -10.59 35.27 -4.42
CA LYS B 5 -10.58 35.28 -4.37
C LYS B 5 -10.26 33.92 -3.79
N THR B 6 -9.61 33.05 -4.58
CA THR B 6 -9.44 31.65 -4.23
C THR B 6 -7.99 31.23 -4.13
N LEU B 7 -7.67 30.55 -3.03
CA LEU B 7 -6.38 29.93 -2.78
C LEU B 7 -6.59 28.42 -2.79
N ILE B 8 -5.69 27.72 -3.48
CA ILE B 8 -5.68 26.27 -3.53
C ILE B 8 -4.39 25.82 -2.84
N LEU B 9 -4.52 25.11 -1.72
CA LEU B 9 -3.45 24.53 -0.95
C LEU B 9 -3.54 23.03 -1.09
N TYR B 10 -2.41 22.34 -1.15
CA TYR B 10 -2.48 20.87 -1.20
C TYR B 10 -1.24 20.26 -0.62
N TYR B 11 -1.41 19.05 -0.11
CA TYR B 11 -0.30 18.15 0.20
C TYR B 11 -0.46 16.93 -0.69
N SER B 12 0.64 16.45 -1.26
CA SER B 12 0.62 15.29 -2.16
C SER B 12 1.84 14.42 -1.88
N TRP B 13 1.60 13.19 -1.45
CA TRP B 13 2.67 12.27 -1.13
C TRP B 13 3.22 11.61 -2.40
N SER B 14 2.35 11.20 -3.31
CA SER B 14 2.75 10.55 -4.55
C SER B 14 2.34 11.26 -5.83
N GLY B 15 2.01 12.56 -5.75
CA GLY B 15 1.78 13.36 -6.94
C GLY B 15 0.37 13.48 -7.49
N GLU B 16 -0.53 12.62 -7.07
CA GLU B 16 -1.87 12.62 -7.65
C GLU B 16 -2.65 13.87 -7.29
N THR B 17 -2.61 14.22 -6.01
CA THR B 17 -3.32 15.42 -5.54
C THR B 17 -2.70 16.68 -6.13
N LYS B 18 -1.38 16.68 -6.35
CA LYS B 18 -0.72 17.79 -7.04
C LYS B 18 -1.33 17.98 -8.43
N LYS B 19 -1.45 16.90 -9.20
CA LYS B 19 -2.07 17.02 -10.51
C LYS B 19 -3.48 17.57 -10.41
N MSE B 20 -4.26 17.07 -9.46
CA MSE B 20 -5.63 17.56 -9.31
CA MSE B 20 -5.64 17.55 -9.30
C MSE B 20 -5.69 19.02 -8.91
O MSE B 20 -6.51 19.79 -9.40
CB MSE B 20 -6.38 16.73 -8.28
CB MSE B 20 -6.37 16.70 -8.27
CG MSE B 20 -7.82 17.15 -8.09
CG MSE B 20 -7.85 16.97 -8.14
SE MSE B 20 -8.83 17.18 -9.74
SE MSE B 20 -8.93 16.66 -9.73
CE MSE B 20 -8.58 15.26 -10.23
CE MSE B 20 -7.88 15.22 -10.57
N ALA B 21 -4.78 19.44 -8.02
CA ALA B 21 -4.70 20.85 -7.63
C ALA B 21 -4.36 21.77 -8.82
N GLU B 22 -3.47 21.30 -9.69
CA GLU B 22 -3.13 22.04 -10.90
C GLU B 22 -4.33 22.13 -11.84
N LYS B 23 -5.09 21.04 -11.96
CA LYS B 23 -6.30 21.05 -12.80
CA LYS B 23 -6.30 21.04 -12.79
C LYS B 23 -7.31 22.05 -12.25
N ILE B 24 -7.53 22.05 -10.93
CA ILE B 24 -8.45 22.99 -10.31
C ILE B 24 -7.93 24.42 -10.49
N ASN B 25 -6.63 24.65 -10.32
CA ASN B 25 -6.04 25.98 -10.57
C ASN B 25 -6.38 26.51 -11.96
N SER B 26 -6.28 25.63 -12.96
CA SER B 26 -6.59 26.03 -14.32
CA SER B 26 -6.60 25.99 -14.34
C SER B 26 -8.09 26.28 -14.52
N GLU B 27 -8.93 25.66 -13.71
CA GLU B 27 -10.39 25.83 -13.78
C GLU B 27 -10.86 27.13 -13.17
N ILE B 28 -10.14 27.65 -12.19
CA ILE B 28 -10.59 28.82 -11.43
C ILE B 28 -9.70 29.99 -11.79
N LYS B 29 -10.25 30.90 -12.60
CA LYS B 29 -9.49 32.06 -13.06
C LYS B 29 -8.91 32.86 -11.89
N ASP B 30 -7.63 33.21 -12.01
CA ASP B 30 -6.92 34.03 -11.05
C ASP B 30 -6.72 33.37 -9.68
N SER B 31 -6.95 32.07 -9.60
CA SER B 31 -6.70 31.35 -8.35
C SER B 31 -5.20 31.23 -8.10
N GLU B 32 -4.83 31.21 -6.83
CA GLU B 32 -3.45 31.06 -6.39
C GLU B 32 -3.25 29.62 -5.96
N LEU B 33 -2.13 29.05 -6.32
CA LEU B 33 -1.79 27.65 -6.00
C LEU B 33 -0.55 27.59 -5.13
N LYS B 34 -0.64 26.96 -3.96
CA LYS B 34 0.47 26.82 -3.03
C LYS B 34 0.56 25.38 -2.57
N GLU B 35 1.79 24.84 -2.52
CA GLU B 35 2.04 23.49 -2.06
C GLU B 35 2.45 23.49 -0.60
N VAL B 36 1.96 22.50 0.13
CA VAL B 36 2.41 22.17 1.48
C VAL B 36 3.32 20.94 1.38
N LYS B 37 4.50 21.04 1.98
CA LYS B 37 5.47 19.93 2.01
C LYS B 37 5.79 19.58 3.45
N VAL B 38 6.40 18.41 3.59
CA VAL B 38 7.08 18.07 4.85
C VAL B 38 8.53 17.78 4.52
N SER B 39 9.41 17.94 5.51
CA SER B 39 10.83 17.73 5.28
CA SER B 39 10.84 17.72 5.33
C SER B 39 11.14 16.27 5.03
N GLU B 40 12.22 16.02 4.30
CA GLU B 40 12.72 14.68 4.12
C GLU B 40 12.95 14.13 5.53
N GLY B 41 12.59 12.88 5.73
CA GLY B 41 12.66 12.27 7.06
C GLY B 41 11.37 12.31 7.87
N THR B 42 10.32 12.92 7.33
CA THR B 42 9.06 12.95 8.05
C THR B 42 8.31 11.62 7.90
N PHE B 43 8.15 11.17 6.65
CA PHE B 43 7.52 9.91 6.36
C PHE B 43 8.59 8.99 5.75
N ASP B 44 8.30 8.34 4.63
CA ASP B 44 9.22 7.41 4.00
C ASP B 44 8.81 7.32 2.53
N ALA B 45 9.72 6.90 1.67
CA ALA B 45 9.36 6.56 0.30
C ALA B 45 8.38 5.38 0.26
N ASP B 46 8.44 4.49 1.24
CA ASP B 46 7.62 3.32 1.31
C ASP B 46 6.24 3.68 1.87
N MSO B 47 5.19 3.21 1.22
CA MSO B 47 3.84 3.54 1.63
CB MSO B 47 2.83 3.19 0.55
C MSO B 47 3.41 2.91 2.95
CG MSO B 47 2.63 1.70 0.29
SE MSO B 47 1.24 1.33 -1.01
OE MSO B 47 0.26 2.62 -0.82
CE MSO B 47 2.27 1.72 -2.52
O MSO B 47 2.59 3.52 3.66
N TYR B 48 3.94 1.75 3.29
CA TYR B 48 3.52 1.05 4.50
C TYR B 48 4.19 1.66 5.71
N LYS B 49 5.45 2.05 5.59
CA LYS B 49 6.12 2.78 6.65
CA LYS B 49 6.11 2.80 6.65
C LYS B 49 5.44 4.14 6.86
N THR B 50 5.06 4.81 5.78
CA THR B 50 4.33 6.08 5.84
C THR B 50 3.02 5.90 6.59
N SER B 51 2.24 4.86 6.22
CA SER B 51 1.01 4.58 6.92
C SER B 51 1.22 4.41 8.41
N ASP B 52 2.24 3.64 8.77
CA ASP B 52 2.52 3.35 10.17
C ASP B 52 2.87 4.63 10.94
N ILE B 53 3.65 5.51 10.33
CA ILE B 53 4.00 6.80 10.96
C ILE B 53 2.74 7.66 11.16
N ALA B 54 1.90 7.73 10.13
CA ALA B 54 0.66 8.47 10.22
C ALA B 54 -0.27 7.89 11.29
N LEU B 55 -0.35 6.56 11.39
CA LEU B 55 -1.22 5.93 12.37
C LEU B 55 -0.86 6.36 13.78
N ASP B 56 0.41 6.41 14.09
CA ASP B 56 0.84 6.81 15.41
C ASP B 56 0.48 8.26 15.71
N GLN B 57 0.43 9.10 14.68
CA GLN B 57 -0.02 10.49 14.84
C GLN B 57 -1.51 10.54 15.09
N ILE B 58 -2.28 9.84 14.28
CA ILE B 58 -3.72 9.85 14.43
CA ILE B 58 -3.74 9.75 14.43
C ILE B 58 -4.13 9.26 15.81
N GLN B 59 -3.40 8.27 16.30
CA GLN B 59 -3.72 7.66 17.59
CA GLN B 59 -3.67 7.63 17.59
C GLN B 59 -3.20 8.45 18.78
N GLY B 60 -2.49 9.54 18.55
CA GLY B 60 -2.05 10.43 19.61
C GLY B 60 -0.76 9.98 20.28
N ASN B 61 -0.05 9.04 19.68
CA ASN B 61 1.23 8.53 20.23
C ASN B 61 2.45 9.39 19.88
N LYS B 62 2.40 10.08 18.74
CA LYS B 62 3.46 10.95 18.28
C LYS B 62 2.83 12.22 17.73
N ASP B 63 3.58 13.32 17.75
CA ASP B 63 3.06 14.59 17.29
C ASP B 63 2.78 14.59 15.79
N PHE B 64 1.75 15.34 15.41
CA PHE B 64 1.53 15.64 14.02
C PHE B 64 2.72 16.40 13.44
N PRO B 65 2.94 16.27 12.12
CA PRO B 65 4.19 16.79 11.55
C PRO B 65 4.24 18.30 11.41
N GLU B 66 5.45 18.83 11.46
CA GLU B 66 5.68 20.19 11.00
C GLU B 66 5.54 20.25 9.48
N ILE B 67 5.15 21.41 8.98
CA ILE B 67 4.94 21.60 7.54
C ILE B 67 5.73 22.79 7.03
N GLN B 68 5.99 22.77 5.71
CA GLN B 68 6.68 23.84 5.01
C GLN B 68 5.76 24.37 3.93
N LEU B 69 5.59 25.69 3.94
CA LEU B 69 4.76 26.36 2.96
C LEU B 69 5.11 27.84 3.00
N ASP B 70 4.77 28.50 1.92
CA ASP B 70 5.00 29.95 1.82
C ASP B 70 4.24 30.71 2.89
N ASN B 71 4.71 31.94 3.12
CA ASN B 71 3.92 32.91 3.87
C ASN B 71 2.65 33.19 3.09
N ILE B 72 1.50 33.07 3.77
CA ILE B 72 0.22 33.26 3.13
C ILE B 72 -0.67 34.13 4.02
N ASP B 73 -1.25 35.15 3.41
CA ASP B 73 -2.20 36.03 4.08
C ASP B 73 -3.59 35.41 3.91
N TYR B 74 -3.92 34.44 4.77
CA TYR B 74 -5.13 33.65 4.59
C TYR B 74 -6.38 34.52 4.45
N ASN B 75 -6.51 35.55 5.28
CA ASN B 75 -7.72 36.38 5.28
C ASN B 75 -7.81 37.35 4.14
N ASN B 76 -6.87 37.28 3.19
CA ASN B 76 -7.03 37.97 1.92
C ASN B 76 -7.89 37.16 0.96
N TYR B 77 -8.16 35.89 1.25
CA TYR B 77 -8.92 35.04 0.36
C TYR B 77 -10.34 34.86 0.86
N ASP B 78 -11.27 34.70 -0.08
CA ASP B 78 -12.66 34.39 0.22
C ASP B 78 -12.93 32.89 0.33
N LEU B 79 -12.16 32.10 -0.41
CA LEU B 79 -12.32 30.65 -0.50
C LEU B 79 -10.94 30.04 -0.48
N ILE B 80 -10.75 29.04 0.38
CA ILE B 80 -9.53 28.25 0.41
C ILE B 80 -9.90 26.77 0.21
N LEU B 81 -9.32 26.19 -0.84
CA LEU B 81 -9.54 24.79 -1.19
C LEU B 81 -8.31 24.03 -0.73
N ILE B 82 -8.52 22.97 0.02
CA ILE B 82 -7.44 22.16 0.58
C ILE B 82 -7.47 20.78 -0.03
N GLY B 83 -6.40 20.37 -0.70
CA GLY B 83 -6.29 19.07 -1.32
C GLY B 83 -5.46 18.11 -0.52
N SER B 84 -5.90 16.86 -0.47
CA SER B 84 -5.17 15.77 0.18
C SER B 84 -5.51 14.44 -0.44
N PRO B 85 -4.59 13.47 -0.32
CA PRO B 85 -4.99 12.07 -0.49
C PRO B 85 -5.87 11.61 0.67
N VAL B 86 -6.59 10.50 0.44
CA VAL B 86 -7.22 9.75 1.52
C VAL B 86 -6.18 8.77 2.10
N TRP B 87 -5.91 8.88 3.40
CA TRP B 87 -5.04 7.98 4.15
C TRP B 87 -5.91 7.25 5.15
N SER B 88 -6.36 6.06 4.76
CA SER B 88 -7.17 5.20 5.63
C SER B 88 -8.34 5.93 6.28
N GLY B 89 -9.05 6.71 5.48
CA GLY B 89 -10.22 7.40 5.97
C GLY B 89 -9.95 8.73 6.65
N TYR B 90 -8.70 9.21 6.63
CA TYR B 90 -8.34 10.54 7.12
C TYR B 90 -7.70 11.33 5.99
N PRO B 91 -7.71 12.68 6.13
CA PRO B 91 -6.75 13.43 5.31
C PRO B 91 -5.33 13.08 5.75
N ALA B 92 -4.36 13.36 4.91
CA ALA B 92 -2.98 13.14 5.30
C ALA B 92 -2.64 14.01 6.52
N THR B 93 -1.79 13.52 7.39
CA THR B 93 -1.53 14.20 8.65
C THR B 93 -0.98 15.62 8.54
N PRO B 94 -0.26 16.00 7.45
CA PRO B 94 0.10 17.41 7.32
C PRO B 94 -1.09 18.36 7.30
N ILE B 95 -2.24 17.85 6.87
CA ILE B 95 -3.46 18.68 6.79
C ILE B 95 -3.91 19.12 8.17
N LYS B 96 -3.74 18.29 9.20
CA LYS B 96 -4.16 18.73 10.52
CA LYS B 96 -4.08 18.67 10.57
C LYS B 96 -3.30 19.92 10.97
N THR B 97 -2.00 19.87 10.76
CA THR B 97 -1.12 20.99 11.08
C THR B 97 -1.51 22.23 10.31
N LEU B 98 -1.80 22.07 9.02
CA LEU B 98 -2.23 23.17 8.18
C LEU B 98 -3.49 23.83 8.76
N LEU B 99 -4.50 23.02 9.05
CA LEU B 99 -5.75 23.55 9.56
C LEU B 99 -5.53 24.30 10.86
N ASP B 100 -4.65 23.79 11.71
CA ASP B 100 -4.32 24.52 12.93
C ASP B 100 -3.71 25.88 12.63
N GLN B 101 -2.84 25.97 11.64
CA GLN B 101 -2.20 27.23 11.26
C GLN B 101 -3.20 28.19 10.63
N MSE B 102 -4.33 27.66 10.16
CA MSE B 102 -5.42 28.43 9.58
C MSE B 102 -6.50 28.80 10.59
O MSE B 102 -7.56 29.26 10.20
CB MSE B 102 -6.05 27.66 8.41
CG MSE B 102 -5.18 27.57 7.21
SE MSE B 102 -5.94 26.42 5.84
CE MSE B 102 -7.68 27.29 5.69
N LYS B 103 -6.23 28.65 11.90
CA LYS B 103 -7.29 28.85 12.89
C LYS B 103 -7.95 30.22 12.87
N ASN B 104 -7.24 31.25 12.42
CA ASN B 104 -7.82 32.60 12.38
C ASN B 104 -8.43 32.97 11.03
N TYR B 105 -8.52 32.01 10.11
CA TYR B 105 -9.12 32.28 8.79
C TYR B 105 -10.64 32.32 8.89
N ARG B 106 -11.23 33.41 8.40
CA ARG B 106 -12.65 33.65 8.58
CA ARG B 106 -12.65 33.68 8.57
C ARG B 106 -13.48 33.40 7.33
N GLY B 107 -12.84 33.00 6.23
CA GLY B 107 -13.56 32.77 4.99
C GLY B 107 -14.05 31.34 4.84
N GLU B 108 -14.39 30.96 3.62
CA GLU B 108 -14.91 29.63 3.33
C GLU B 108 -13.77 28.66 3.05
N VAL B 109 -13.94 27.44 3.51
CA VAL B 109 -13.00 26.34 3.30
C VAL B 109 -13.72 25.18 2.63
N ALA B 110 -13.06 24.55 1.66
CA ALA B 110 -13.57 23.27 1.13
C ALA B 110 -12.38 22.36 0.93
N SER B 111 -12.61 21.06 0.96
CA SER B 111 -11.52 20.11 0.67
C SER B 111 -11.87 19.23 -0.50
N PHE B 112 -10.88 19.11 -1.40
CA PHE B 112 -10.92 18.09 -2.45
C PHE B 112 -9.95 16.99 -2.09
N PHE B 113 -10.38 15.75 -2.28
CA PHE B 113 -9.51 14.63 -2.03
C PHE B 113 -9.30 13.80 -3.28
N THR B 114 -8.17 13.12 -3.34
CA THR B 114 -7.95 12.06 -4.31
C THR B 114 -7.80 10.75 -3.56
N SER B 115 -8.17 9.65 -4.21
CA SER B 115 -8.19 8.36 -3.54
C SER B 115 -8.16 7.23 -4.57
N ALA B 116 -8.04 6.02 -4.04
CA ALA B 116 -8.26 4.80 -4.81
C ALA B 116 -9.69 4.28 -4.58
N GLY B 117 -10.62 5.14 -4.17
CA GLY B 117 -12.04 4.81 -4.18
C GLY B 117 -12.70 4.39 -2.92
N THR B 118 -11.97 4.32 -1.80
CA THR B 118 -12.56 3.82 -0.56
C THR B 118 -12.35 4.79 0.62
N ASN B 119 -13.20 4.60 1.63
CA ASN B 119 -13.15 5.33 2.88
C ASN B 119 -13.44 6.81 2.78
N HIS B 120 -14.29 7.17 1.82
CA HIS B 120 -14.61 8.60 1.55
C HIS B 120 -15.45 9.23 2.64
N LYS B 121 -16.44 8.51 3.17
CA LYS B 121 -17.27 9.08 4.22
C LYS B 121 -16.44 9.44 5.46
N ALA B 122 -15.51 8.56 5.80
CA ALA B 122 -14.60 8.79 6.91
C ALA B 122 -13.73 10.02 6.63
N TYR B 123 -13.21 10.17 5.41
CA TYR B 123 -12.41 11.34 5.06
C TYR B 123 -13.22 12.60 5.35
N VAL B 124 -14.47 12.63 4.89
CA VAL B 124 -15.31 13.81 5.10
C VAL B 124 -15.49 14.10 6.59
N SER B 125 -15.86 13.08 7.36
CA SER B 125 -16.07 13.25 8.79
CA SER B 125 -16.08 13.27 8.78
C SER B 125 -14.81 13.78 9.47
N HIS B 126 -13.69 13.16 9.15
CA HIS B 126 -12.44 13.51 9.81
C HIS B 126 -11.90 14.88 9.37
N PHE B 127 -12.08 15.22 8.10
CA PHE B 127 -11.68 16.55 7.67
C PHE B 127 -12.47 17.59 8.47
N ASN B 128 -13.77 17.39 8.57
CA ASN B 128 -14.62 18.33 9.31
C ASN B 128 -14.22 18.43 10.77
N GLU B 129 -13.87 17.31 11.40
CA GLU B 129 -13.36 17.33 12.78
C GLU B 129 -12.07 18.13 12.89
N TRP B 130 -11.11 17.87 12.00
CA TRP B 130 -9.84 18.59 12.03
C TRP B 130 -9.99 20.10 11.77
N ALA B 131 -11.01 20.45 10.99
N ALA B 131 -11.01 20.46 10.99
CA ALA B 131 -11.31 21.83 10.62
CA ALA B 131 -11.29 21.85 10.63
C ALA B 131 -12.35 22.48 11.52
C ALA B 131 -12.12 22.60 11.66
N ASP B 132 -12.57 21.91 12.71
CA ASP B 132 -13.62 22.43 13.60
C ASP B 132 -13.32 23.88 13.95
N GLY B 133 -14.30 24.73 13.78
CA GLY B 133 -14.13 26.14 14.04
C GLY B 133 -14.09 26.91 12.74
N LEU B 134 -13.67 26.28 11.64
CA LEU B 134 -13.61 26.94 10.34
C LEU B 134 -14.91 26.71 9.59
N ASN B 135 -15.21 27.62 8.66
CA ASN B 135 -16.43 27.54 7.87
C ASN B 135 -16.22 26.62 6.67
N VAL B 136 -16.49 25.35 6.87
CA VAL B 136 -16.32 24.34 5.82
C VAL B 136 -17.60 24.24 5.01
N ILE B 137 -17.53 24.57 3.73
CA ILE B 137 -18.68 24.57 2.84
C ILE B 137 -18.85 23.26 2.07
N GLY B 138 -17.83 22.40 2.04
CA GLY B 138 -17.97 21.12 1.34
C GLY B 138 -16.68 20.34 1.32
N VAL B 139 -16.84 19.05 1.04
CA VAL B 139 -15.72 18.13 0.87
C VAL B 139 -16.15 17.17 -0.23
N ALA B 140 -15.29 16.95 -1.24
CA ALA B 140 -15.67 16.11 -2.38
C ALA B 140 -14.44 15.59 -3.08
N ARG B 141 -14.65 14.56 -3.88
CA ARG B 141 -13.59 13.94 -4.65
C ARG B 141 -13.22 14.79 -5.85
N ASP B 142 -11.91 14.88 -6.10
CA ASP B 142 -11.40 15.51 -7.29
C ASP B 142 -12.00 16.91 -7.43
N ASP B 143 -12.39 17.28 -8.66
CA ASP B 143 -12.93 18.61 -8.95
C ASP B 143 -14.45 18.57 -9.10
N SER B 144 -15.07 17.54 -8.52
CA SER B 144 -16.48 17.29 -8.71
C SER B 144 -17.43 18.33 -8.18
N GLU B 145 -16.99 19.18 -7.24
CA GLU B 145 -17.84 20.24 -6.67
CA GLU B 145 -17.85 20.23 -6.70
C GLU B 145 -17.23 21.62 -6.78
N VAL B 146 -16.17 21.78 -7.57
CA VAL B 146 -15.53 23.06 -7.73
C VAL B 146 -16.48 24.17 -8.24
N ASP B 147 -17.30 23.83 -9.24
CA ASP B 147 -18.23 24.84 -9.75
CA ASP B 147 -18.29 24.78 -9.78
C ASP B 147 -19.20 25.31 -8.66
N LYS B 148 -19.72 24.41 -7.84
CA LYS B 148 -20.57 24.79 -6.73
C LYS B 148 -19.84 25.64 -5.73
N TRP B 149 -18.63 25.24 -5.36
CA TRP B 149 -17.86 26.00 -4.38
C TRP B 149 -17.53 27.40 -4.86
N SER B 150 -17.30 27.57 -6.16
CA SER B 150 -16.93 28.88 -6.70
C SER B 150 -18.09 29.86 -6.80
N LYS B 151 -19.29 29.35 -6.90
CA LYS B 151 -20.43 30.25 -7.06
C LYS B 151 -20.55 31.17 -5.85
N1 FMN C . 5.21 -4.51 -4.31
C2 FMN C . 6.51 -4.24 -4.53
O2 FMN C . 6.95 -4.07 -5.68
N3 FMN C . 7.38 -4.16 -3.48
C4 FMN C . 6.98 -4.29 -2.16
O4 FMN C . 7.86 -4.30 -1.28
C4A FMN C . 5.62 -4.52 -1.94
N5 FMN C . 5.12 -4.63 -0.65
C5A FMN C . 3.79 -4.97 -0.48
C6 FMN C . 3.31 -5.15 0.82
C7 FMN C . 1.98 -5.50 1.04
C7M FMN C . 1.52 -5.86 2.42
C8 FMN C . 1.11 -5.62 -0.05
C8M FMN C . -0.34 -6.04 0.11
C9 FMN C . 1.58 -5.47 -1.35
C9A FMN C . 2.93 -5.13 -1.59
N10 FMN C . 3.44 -4.94 -2.87
C10 FMN C . 4.77 -4.66 -3.04
C1' FMN C . 2.57 -5.19 -4.07
C2' FMN C . 2.47 -6.69 -4.35
O2' FMN C . 3.73 -7.34 -4.37
C3' FMN C . 1.79 -6.89 -5.71
O3' FMN C . 0.56 -6.16 -5.73
C4' FMN C . 1.53 -8.38 -5.99
O4' FMN C . 1.46 -8.60 -7.38
C5' FMN C . 0.24 -8.83 -5.36
O5' FMN C . 0.12 -10.25 -5.48
P FMN C . -1.21 -10.92 -4.96
O1P FMN C . -2.36 -10.26 -5.70
O2P FMN C . -1.33 -10.77 -3.45
O3P FMN C . -1.06 -12.38 -5.40
C1 EDO D . 14.50 -31.58 -19.35
O1 EDO D . 14.93 -30.35 -19.94
C2 EDO D . 15.01 -31.64 -17.93
O2 EDO D . 16.40 -32.01 -17.91
C1 EDO E . 8.02 -19.67 -20.18
O1 EDO E . 7.87 -20.83 -21.01
C2 EDO E . 8.16 -18.44 -21.06
O2 EDO E . 9.54 -18.05 -21.09
C1 EDO F . 4.86 -6.08 4.95
O1 EDO F . 4.52 -4.88 4.25
C2 EDO F . 5.43 -5.86 6.34
O2 EDO F . 6.70 -5.11 6.30
C1 EDO G . 3.30 -5.95 -12.62
O1 EDO G . 3.76 -7.28 -12.86
C2 EDO G . 3.39 -5.15 -13.90
O2 EDO G . 4.75 -4.93 -14.29
C1 EDO H . 13.92 -7.17 7.79
O1 EDO H . 12.98 -7.12 8.86
C2 EDO H . 15.02 -6.16 7.82
O2 EDO H . 15.26 -5.67 6.50
C1 EDO I . 12.84 -36.90 -4.49
O1 EDO I . 12.88 -37.83 -5.61
C2 EDO I . 11.94 -35.68 -4.66
O2 EDO I . 12.37 -34.98 -5.82
N1 FMN J . -6.93 5.18 -1.05
C2 FMN J . -8.23 4.89 -0.76
O2 FMN J . -9.08 4.87 -1.66
N3 FMN J . -8.57 4.67 0.55
C4 FMN J . -7.67 4.60 1.58
O4 FMN J . -8.10 4.50 2.74
C4A FMN J . -6.33 4.89 1.28
N5 FMN J . -5.38 4.85 2.28
C5A FMN J . -4.06 5.19 1.93
C6 FMN J . -3.09 5.24 2.92
C7 FMN J . -1.76 5.58 2.63
C7M FMN J . -0.80 5.77 3.76
C8 FMN J . -1.41 5.86 1.31
C8M FMN J . 0.00 6.29 0.97
C9 FMN J . -2.39 5.85 0.32
C9A FMN J . -3.71 5.50 0.61
N10 FMN J . -4.70 5.47 -0.38
C10 FMN J . -6.01 5.17 -0.05
C1' FMN J . -4.38 5.85 -1.79
C2' FMN J . -4.35 7.35 -1.94
O2' FMN J . -5.51 7.96 -1.39
C3' FMN J . -4.30 7.71 -3.42
O3' FMN J . -3.22 7.00 -4.05
C4' FMN J . -4.17 9.21 -3.61
O4' FMN J . -4.66 9.57 -4.90
C5' FMN J . -2.72 9.61 -3.52
O5' FMN J . -2.60 11.02 -3.58
P FMN J . -1.14 11.65 -3.58
O1P FMN J . -0.40 11.05 -4.76
O2P FMN J . -0.45 11.36 -2.27
O3P FMN J . -1.38 13.15 -3.77
C1 EDO K . -2.84 5.24 8.97
O1 EDO K . -4.08 4.56 9.28
C2 EDO K . -2.86 5.76 7.54
O2 EDO K . -2.82 4.70 6.57
C1 EDO L . 13.99 8.43 9.66
O1 EDO L . 13.50 9.24 8.58
C2 EDO L . 15.34 8.81 10.25
O2 EDO L . 15.37 10.16 10.70
#